data_4B6I
#
_entry.id   4B6I
#
_cell.length_a   48.055
_cell.length_b   56.894
_cell.length_c   122.195
_cell.angle_alpha   90.00
_cell.angle_beta   90.00
_cell.angle_gamma   90.00
#
_symmetry.space_group_name_H-M   'P 2 2 21'
#
loop_
_entity.id
_entity.type
_entity.pdbx_description
1 polymer SMA2266
2 water water
#
_entity_poly.entity_id   1
_entity_poly.type   'polypeptide(L)'
_entity_poly.pdbx_seq_one_letter_code
;GHMENSLNALSQEALYKNWLTSRCIGKSTDSERTKQDAFRSASAYLELSKLPMDAFEQGEKLAEQYANKNSQGSVQGTYH
TLDCLSLQNASEAETIFERYSK
;
_entity_poly.pdbx_strand_id   A,B,C,D
#
# COMPACT_ATOMS: atom_id res chain seq x y z
N MET A 3 8.41 0.87 3.38
CA MET A 3 8.94 1.76 2.28
C MET A 3 9.78 0.88 1.36
N GLU A 4 10.59 0.04 1.99
CA GLU A 4 11.44 -0.96 1.34
C GLU A 4 10.48 -1.91 0.64
N ASN A 5 9.34 -2.12 1.31
CA ASN A 5 8.24 -2.95 0.81
C ASN A 5 7.58 -2.37 -0.41
N SER A 6 7.25 -1.08 -0.38
CA SER A 6 6.57 -0.48 -1.55
C SER A 6 7.53 -0.34 -2.71
N LEU A 7 8.80 -0.06 -2.40
CA LEU A 7 9.79 0.07 -3.47
C LEU A 7 10.06 -1.26 -4.19
N ASN A 8 10.19 -2.36 -3.43
CA ASN A 8 10.29 -3.71 -4.00
C ASN A 8 9.09 -4.13 -4.87
N ALA A 9 7.94 -3.50 -4.71
CA ALA A 9 6.78 -3.79 -5.57
C ALA A 9 6.93 -3.19 -6.98
N LEU A 10 7.81 -2.20 -7.15
CA LEU A 10 7.93 -1.51 -8.41
C LEU A 10 8.68 -2.32 -9.44
N SER A 11 8.24 -2.23 -10.67
CA SER A 11 9.01 -2.76 -11.78
C SER A 11 10.31 -1.99 -11.98
N GLN A 12 11.23 -2.60 -12.72
CA GLN A 12 12.46 -1.94 -13.10
C GLN A 12 12.16 -0.69 -13.95
N GLU A 13 11.16 -0.74 -14.83
CA GLU A 13 10.84 0.47 -15.63
C GLU A 13 10.33 1.58 -14.67
N ALA A 14 9.52 1.22 -13.69
CA ALA A 14 9.02 2.23 -12.77
C ALA A 14 10.10 2.86 -11.86
N LEU A 15 11.04 2.04 -11.39
CA LEU A 15 12.19 2.54 -10.61
C LEU A 15 12.99 3.55 -11.42
N TYR A 16 13.23 3.21 -12.66
CA TYR A 16 13.95 4.10 -13.55
C TYR A 16 13.22 5.41 -13.79
N LYS A 17 11.93 5.32 -14.14
CA LYS A 17 11.13 6.56 -14.40
C LYS A 17 11.08 7.44 -13.12
N ASN A 18 10.91 6.82 -11.96
CA ASN A 18 10.89 7.54 -10.70
C ASN A 18 12.21 8.18 -10.43
N TRP A 19 13.28 7.49 -10.78
CA TRP A 19 14.67 8.05 -10.64
C TRP A 19 14.83 9.28 -11.52
N LEU A 20 14.43 9.16 -12.80
CA LEU A 20 14.41 10.27 -13.73
C LEU A 20 13.59 11.46 -13.22
N THR A 21 12.35 11.24 -12.81
CA THR A 21 11.56 12.35 -12.34
C THR A 21 12.20 13.05 -11.11
N SER A 22 12.65 12.24 -10.16
CA SER A 22 13.29 12.74 -8.97
C SER A 22 14.53 13.55 -9.23
N ARG A 23 15.42 13.03 -10.08
CA ARG A 23 16.58 13.79 -10.50
C ARG A 23 16.17 15.15 -11.13
N CYS A 24 15.14 15.17 -11.97
CA CYS A 24 14.71 16.39 -12.70
C CYS A 24 14.18 17.41 -11.72
N ILE A 25 13.45 16.94 -10.71
CA ILE A 25 12.86 17.83 -9.67
C ILE A 25 14.00 18.46 -8.91
N GLY A 26 14.99 17.66 -8.55
CA GLY A 26 16.10 18.20 -7.78
C GLY A 26 16.91 19.22 -8.56
N LYS A 27 17.08 18.97 -9.86
CA LYS A 27 17.89 19.82 -10.71
C LYS A 27 17.15 21.10 -11.12
N SER A 28 15.82 21.12 -10.95
CA SER A 28 15.00 22.27 -11.40
C SER A 28 14.64 23.18 -10.25
N THR A 29 14.51 22.61 -9.03
CA THR A 29 13.93 23.33 -7.87
C THR A 29 14.86 24.41 -7.38
N ASP A 30 14.26 25.54 -7.01
CA ASP A 30 14.91 26.62 -6.28
C ASP A 30 15.38 26.27 -4.86
N SER A 31 14.76 25.28 -4.25
CA SER A 31 14.91 25.05 -2.83
C SER A 31 16.00 24.01 -2.58
N GLU A 32 17.01 24.35 -1.76
CA GLU A 32 17.96 23.35 -1.34
C GLU A 32 17.25 22.23 -0.56
N ARG A 33 16.30 22.54 0.32
CA ARG A 33 15.53 21.48 1.06
C ARG A 33 14.89 20.49 0.14
N THR A 34 14.23 21.02 -0.84
CA THR A 34 13.52 20.19 -1.83
C THR A 34 14.55 19.45 -2.72
N LYS A 35 15.67 20.09 -3.03
CA LYS A 35 16.68 19.44 -3.87
C LYS A 35 17.20 18.21 -3.17
N GLN A 36 17.55 18.32 -1.91
N GLN A 36 17.53 18.37 -1.90
CA GLN A 36 18.13 17.16 -1.24
CA GLN A 36 18.05 17.28 -1.06
C GLN A 36 17.03 16.10 -0.89
C GLN A 36 17.03 16.14 -0.98
N ASP A 37 15.77 16.51 -0.75
CA ASP A 37 14.68 15.54 -0.68
C ASP A 37 14.55 14.78 -2.01
N ALA A 38 14.56 15.52 -3.09
CA ALA A 38 14.46 14.86 -4.39
C ALA A 38 15.61 13.93 -4.65
N PHE A 39 16.82 14.39 -4.30
CA PHE A 39 17.99 13.56 -4.53
C PHE A 39 18.06 12.32 -3.64
N ARG A 40 17.76 12.45 -2.34
CA ARG A 40 17.63 11.27 -1.42
C ARG A 40 16.62 10.26 -2.00
N SER A 41 15.50 10.77 -2.53
CA SER A 41 14.49 9.92 -3.10
C SER A 41 15.03 9.20 -4.36
N ALA A 42 15.69 9.93 -5.24
CA ALA A 42 16.31 9.33 -6.41
C ALA A 42 17.29 8.24 -6.00
N SER A 43 18.09 8.49 -4.97
CA SER A 43 19.10 7.49 -4.51
C SER A 43 18.39 6.18 -4.08
N ALA A 44 17.25 6.29 -3.41
CA ALA A 44 16.49 5.09 -2.98
C ALA A 44 16.05 4.22 -4.17
N TYR A 45 15.62 4.84 -5.27
CA TYR A 45 15.20 4.08 -6.44
C TYR A 45 16.39 3.45 -7.11
N LEU A 46 17.47 4.21 -7.15
CA LEU A 46 18.74 3.77 -7.81
C LEU A 46 19.33 2.55 -7.15
N GLU A 47 19.29 2.51 -5.81
CA GLU A 47 19.87 1.35 -5.13
C GLU A 47 19.25 0.03 -5.57
N LEU A 48 17.96 0.03 -5.92
CA LEU A 48 17.25 -1.17 -6.30
C LEU A 48 17.31 -1.51 -7.79
N SER A 49 17.78 -0.59 -8.63
CA SER A 49 17.76 -0.84 -10.08
C SER A 49 18.74 -1.92 -10.46
N LYS A 50 18.36 -2.78 -11.38
N LYS A 50 18.30 -2.79 -11.37
CA LYS A 50 19.29 -3.76 -11.90
CA LYS A 50 19.15 -3.80 -12.01
C LYS A 50 19.86 -3.28 -13.22
C LYS A 50 20.00 -3.21 -13.10
N LEU A 51 19.64 -2.02 -13.58
CA LEU A 51 20.19 -1.50 -14.83
C LEU A 51 21.65 -1.16 -14.64
N PRO A 52 22.42 -1.21 -15.71
CA PRO A 52 23.85 -0.80 -15.70
C PRO A 52 23.99 0.71 -15.61
N MET A 53 25.17 1.12 -15.30
CA MET A 53 25.42 2.55 -14.97
C MET A 53 25.16 3.50 -16.16
N ASP A 54 25.39 3.02 -17.36
CA ASP A 54 25.20 3.91 -18.48
C ASP A 54 23.72 4.30 -18.62
N ALA A 55 22.77 3.45 -18.18
CA ALA A 55 21.35 3.88 -18.23
C ALA A 55 21.24 5.12 -17.42
N PHE A 56 21.98 5.22 -16.33
CA PHE A 56 21.87 6.40 -15.47
C PHE A 56 22.69 7.61 -15.92
N GLU A 57 23.85 7.38 -16.55
CA GLU A 57 24.63 8.49 -17.16
C GLU A 57 23.81 9.15 -18.31
N GLN A 58 23.18 8.34 -19.14
CA GLN A 58 22.37 8.85 -20.24
C GLN A 58 21.06 9.44 -19.67
N GLY A 59 20.42 8.73 -18.71
CA GLY A 59 19.21 9.24 -18.03
C GLY A 59 19.45 10.54 -17.31
N GLU A 60 20.63 10.76 -16.72
CA GLU A 60 20.94 12.01 -16.03
C GLU A 60 20.89 13.18 -17.01
N LYS A 61 21.45 13.00 -18.20
CA LYS A 61 21.44 14.08 -19.19
C LYS A 61 20.02 14.38 -19.60
N LEU A 62 19.20 13.36 -19.73
CA LEU A 62 17.77 13.56 -20.06
C LEU A 62 17.01 14.29 -18.94
N ALA A 63 17.30 13.89 -17.68
CA ALA A 63 16.72 14.50 -16.52
C ALA A 63 17.09 15.97 -16.50
N GLU A 64 18.35 16.27 -16.77
CA GLU A 64 18.77 17.70 -16.82
C GLU A 64 18.12 18.45 -17.97
N GLN A 65 18.01 17.82 -19.13
CA GLN A 65 17.38 18.46 -20.25
C GLN A 65 15.89 18.80 -19.91
N TYR A 66 15.24 17.89 -19.21
CA TYR A 66 13.88 18.15 -18.79
C TYR A 66 13.78 19.19 -17.65
N ALA A 67 14.77 19.18 -16.75
CA ALA A 67 14.85 20.24 -15.70
C ALA A 67 14.92 21.66 -16.36
N ASN A 68 15.52 21.74 -17.56
CA ASN A 68 15.77 23.00 -18.22
C ASN A 68 14.78 23.30 -19.35
N LYS A 69 13.86 22.40 -19.62
CA LYS A 69 12.94 22.55 -20.71
C LYS A 69 12.09 23.85 -20.56
N ASN A 70 11.75 24.19 -19.33
CA ASN A 70 11.08 25.44 -19.05
C ASN A 70 9.78 25.55 -19.84
N SER A 71 8.96 24.49 -19.87
CA SER A 71 7.71 24.53 -20.65
C SER A 71 6.89 25.77 -20.17
N GLN A 72 6.28 26.49 -21.11
CA GLN A 72 5.41 27.62 -20.81
C GLN A 72 3.95 27.20 -21.08
N GLY A 73 3.03 27.55 -20.20
CA GLY A 73 1.66 27.10 -20.43
C GLY A 73 0.82 28.30 -20.72
N SER A 74 -0.44 28.15 -21.13
CA SER A 74 -1.37 29.27 -20.97
C SER A 74 -1.15 29.56 -19.49
N VAL A 75 -0.96 30.83 -19.17
CA VAL A 75 -0.66 31.33 -17.82
C VAL A 75 0.85 31.38 -17.55
N GLN A 76 1.32 32.57 -17.20
CA GLN A 76 2.75 32.78 -16.88
C GLN A 76 3.20 31.99 -15.62
N GLY A 77 4.49 31.65 -15.59
CA GLY A 77 5.12 30.91 -14.46
C GLY A 77 5.79 29.62 -14.93
N THR A 78 6.55 29.00 -14.05
CA THR A 78 7.22 27.80 -14.40
C THR A 78 6.31 26.58 -14.22
N TYR A 79 6.59 25.58 -15.05
CA TYR A 79 5.93 24.27 -15.03
C TYR A 79 6.98 23.13 -14.89
N HIS A 80 8.00 23.32 -14.07
CA HIS A 80 9.04 22.30 -13.94
C HIS A 80 8.47 20.96 -13.45
N THR A 81 7.49 21.01 -12.56
CA THR A 81 6.90 19.79 -12.00
C THR A 81 6.31 18.95 -13.12
N LEU A 82 5.65 19.63 -14.05
CA LEU A 82 5.01 18.98 -15.18
C LEU A 82 6.10 18.39 -16.10
N ASP A 83 7.14 19.20 -16.37
CA ASP A 83 8.26 18.70 -17.22
C ASP A 83 8.87 17.44 -16.60
N CYS A 84 9.05 17.46 -15.29
CA CYS A 84 9.71 16.34 -14.63
C CYS A 84 8.84 15.11 -14.57
N LEU A 85 7.56 15.33 -14.38
CA LEU A 85 6.59 14.23 -14.42
C LEU A 85 6.39 13.67 -15.80
N SER A 86 6.62 14.49 -16.80
CA SER A 86 6.50 13.95 -18.19
C SER A 86 7.52 12.78 -18.50
N LEU A 87 8.55 12.67 -17.68
CA LEU A 87 9.52 11.61 -17.82
C LEU A 87 8.89 10.24 -17.50
N GLN A 88 7.77 10.24 -16.74
CA GLN A 88 7.05 9.01 -16.46
C GLN A 88 6.59 8.32 -17.78
N ASN A 89 6.39 9.13 -18.83
CA ASN A 89 5.76 8.64 -20.04
C ASN A 89 6.49 9.13 -21.27
N ALA A 90 7.70 9.64 -21.15
CA ALA A 90 8.38 10.17 -22.34
C ALA A 90 9.12 9.10 -23.10
N SER A 91 9.04 9.17 -24.42
CA SER A 91 9.56 8.14 -25.29
C SER A 91 11.06 8.12 -25.23
N GLU A 92 11.67 9.30 -25.01
CA GLU A 92 13.11 9.34 -24.82
C GLU A 92 13.51 8.51 -23.58
N ALA A 93 12.73 8.58 -22.51
CA ALA A 93 13.05 7.81 -21.29
C ALA A 93 12.89 6.34 -21.60
N GLU A 94 11.79 5.98 -22.27
CA GLU A 94 11.52 4.58 -22.62
C GLU A 94 12.57 4.01 -23.54
N THR A 95 13.14 4.80 -24.46
CA THR A 95 14.17 4.20 -25.36
C THR A 95 15.53 3.93 -24.67
N ILE A 96 15.92 4.81 -23.74
CA ILE A 96 17.08 4.49 -22.90
C ILE A 96 16.78 3.29 -22.03
N PHE A 97 15.62 3.23 -21.42
CA PHE A 97 15.32 2.06 -20.62
C PHE A 97 15.35 0.75 -21.45
N GLU A 98 14.74 0.80 -22.62
CA GLU A 98 14.73 -0.36 -23.51
C GLU A 98 16.13 -0.81 -23.96
N ARG A 99 17.02 0.13 -24.20
CA ARG A 99 18.36 -0.19 -24.60
C ARG A 99 19.14 -0.99 -23.54
N TYR A 100 18.86 -0.71 -22.26
CA TYR A 100 19.65 -1.29 -21.18
C TYR A 100 18.95 -2.35 -20.31
N SER A 101 17.68 -2.65 -20.56
CA SER A 101 16.98 -3.61 -19.72
C SER A 101 16.95 -5.07 -20.26
N LYS A 102 16.60 -5.21 -21.54
CA LYS A 102 15.82 -6.38 -22.06
C LYS A 102 14.99 -7.09 -20.98
N MET B 3 9.17 -12.35 0.98
CA MET B 3 8.21 -12.48 2.13
C MET B 3 8.93 -12.40 3.48
N GLU B 4 9.91 -13.28 3.66
CA GLU B 4 10.46 -13.49 5.02
C GLU B 4 10.97 -12.17 5.67
N ASN B 5 11.61 -11.28 4.93
CA ASN B 5 12.00 -10.01 5.58
C ASN B 5 11.18 -8.80 5.20
N SER B 6 10.18 -9.02 4.35
CA SER B 6 9.08 -8.08 4.29
C SER B 6 8.24 -8.13 5.59
N LEU B 7 8.37 -9.22 6.36
CA LEU B 7 7.87 -9.32 7.73
C LEU B 7 8.78 -8.62 8.74
N ASN B 8 9.93 -8.11 8.33
CA ASN B 8 10.78 -7.42 9.31
C ASN B 8 10.18 -6.13 9.85
N ALA B 9 9.19 -5.61 9.15
CA ALA B 9 8.34 -4.56 9.66
C ALA B 9 7.61 -4.98 10.94
N LEU B 10 7.27 -6.26 11.12
CA LEU B 10 6.33 -6.59 12.19
C LEU B 10 6.95 -6.62 13.60
N SER B 11 6.26 -6.03 14.54
CA SER B 11 6.60 -6.14 15.95
C SER B 11 6.58 -7.63 16.36
N GLN B 12 7.29 -7.97 17.43
CA GLN B 12 7.22 -9.35 17.95
C GLN B 12 5.78 -9.74 18.38
N GLU B 13 5.05 -8.83 19.00
CA GLU B 13 3.65 -9.12 19.33
C GLU B 13 2.79 -9.43 18.08
N ALA B 14 2.97 -8.66 17.02
CA ALA B 14 2.21 -8.88 15.81
C ALA B 14 2.61 -10.23 15.17
N LEU B 15 3.89 -10.61 15.24
CA LEU B 15 4.29 -11.95 14.67
C LEU B 15 3.52 -13.05 15.41
N TYR B 16 3.43 -12.88 16.73
CA TYR B 16 2.85 -13.87 17.60
C TYR B 16 1.35 -13.97 17.33
N LYS B 17 0.67 -12.84 17.30
CA LYS B 17 -0.73 -12.80 17.04
C LYS B 17 -1.08 -13.44 15.64
N ASN B 18 -0.21 -13.19 14.69
CA ASN B 18 -0.38 -13.74 13.37
C ASN B 18 -0.19 -15.24 13.35
N TRP B 19 0.81 -15.72 14.10
CA TRP B 19 0.97 -17.14 14.30
C TRP B 19 -0.28 -17.74 14.89
N LEU B 20 -0.82 -17.09 15.93
CA LEU B 20 -2.02 -17.62 16.61
C LEU B 20 -3.21 -17.74 15.67
N THR B 21 -3.51 -16.64 14.95
CA THR B 21 -4.54 -16.62 13.94
C THR B 21 -4.31 -17.70 12.86
N SER B 22 -3.07 -17.79 12.34
CA SER B 22 -2.79 -18.82 11.33
C SER B 22 -3.02 -20.22 11.83
N ARG B 23 -2.56 -20.53 13.04
CA ARG B 23 -2.73 -21.84 13.59
C ARG B 23 -4.21 -22.15 13.78
N CYS B 24 -4.92 -21.14 14.26
CA CYS B 24 -6.39 -21.25 14.48
C CYS B 24 -7.14 -21.60 13.21
N ILE B 25 -6.79 -20.92 12.13
CA ILE B 25 -7.39 -21.15 10.82
C ILE B 25 -7.14 -22.60 10.37
N GLY B 26 -5.91 -23.07 10.49
CA GLY B 26 -5.59 -24.42 10.12
C GLY B 26 -6.22 -25.50 10.97
N LYS B 27 -6.43 -25.21 12.25
CA LYS B 27 -7.11 -26.16 13.12
C LYS B 27 -8.62 -26.19 12.98
N SER B 28 -9.18 -25.10 12.50
CA SER B 28 -10.65 -24.96 12.43
C SER B 28 -11.20 -25.37 11.08
N THR B 29 -10.39 -25.29 10.03
CA THR B 29 -10.91 -25.44 8.70
C THR B 29 -11.13 -26.87 8.36
N ASP B 30 -12.06 -27.11 7.43
CA ASP B 30 -12.30 -28.45 7.01
C ASP B 30 -11.54 -28.83 5.77
N SER B 31 -10.98 -27.82 5.12
CA SER B 31 -10.18 -28.00 3.90
C SER B 31 -8.70 -28.29 4.17
N GLU B 32 -8.21 -29.43 3.67
CA GLU B 32 -6.80 -29.75 3.82
C GLU B 32 -5.81 -28.70 3.20
N ARG B 33 -6.21 -28.15 2.05
CA ARG B 33 -5.38 -27.15 1.40
C ARG B 33 -5.36 -25.83 2.19
N THR B 34 -6.51 -25.41 2.70
CA THR B 34 -6.55 -24.26 3.58
C THR B 34 -5.64 -24.45 4.79
N LYS B 35 -5.66 -25.68 5.30
CA LYS B 35 -4.90 -26.01 6.47
C LYS B 35 -3.41 -25.89 6.20
N GLN B 36 -2.93 -26.47 5.10
CA GLN B 36 -1.50 -26.47 4.82
C GLN B 36 -1.01 -25.01 4.50
N ASP B 37 -1.85 -24.20 3.85
CA ASP B 37 -1.51 -22.77 3.64
C ASP B 37 -1.34 -22.04 4.99
N ALA B 38 -2.32 -22.19 5.86
CA ALA B 38 -2.28 -21.53 7.16
C ALA B 38 -1.11 -22.01 7.98
N PHE B 39 -0.85 -23.31 7.91
CA PHE B 39 0.31 -23.87 8.69
C PHE B 39 1.67 -23.45 8.14
N ARG B 40 1.81 -23.40 6.83
CA ARG B 40 3.02 -22.81 6.25
C ARG B 40 3.23 -21.38 6.61
N SER B 41 2.13 -20.61 6.60
CA SER B 41 2.12 -19.22 6.97
C SER B 41 2.56 -19.08 8.43
N ALA B 42 2.01 -19.92 9.31
CA ALA B 42 2.33 -19.88 10.74
C ALA B 42 3.85 -20.13 10.94
N SER B 43 4.44 -21.10 10.25
CA SER B 43 5.89 -21.30 10.25
C SER B 43 6.76 -20.07 9.92
N ALA B 44 6.31 -19.27 8.94
CA ALA B 44 7.02 -18.06 8.54
C ALA B 44 7.07 -17.11 9.74
N TYR B 45 5.96 -17.00 10.44
CA TYR B 45 5.96 -16.11 11.58
C TYR B 45 6.80 -16.68 12.73
N LEU B 46 6.64 -17.97 12.98
CA LEU B 46 7.38 -18.58 14.07
C LEU B 46 8.90 -18.42 13.91
N GLU B 47 9.37 -18.62 12.68
CA GLU B 47 10.82 -18.51 12.40
C GLU B 47 11.43 -17.16 12.73
N LEU B 48 10.66 -16.11 12.52
CA LEU B 48 11.04 -14.75 12.89
C LEU B 48 10.85 -14.38 14.36
N SER B 49 10.10 -15.18 15.10
CA SER B 49 9.82 -14.84 16.50
C SER B 49 11.03 -14.98 17.42
N LYS B 50 11.28 -14.00 18.29
CA LYS B 50 12.25 -14.17 19.32
C LYS B 50 11.71 -14.89 20.57
N LEU B 51 10.46 -15.29 20.61
CA LEU B 51 9.90 -15.95 21.80
C LEU B 51 10.42 -17.36 21.95
N PRO B 52 10.45 -17.85 23.20
CA PRO B 52 10.79 -19.24 23.39
C PRO B 52 9.62 -20.13 22.93
N MET B 53 9.94 -21.40 22.66
CA MET B 53 8.97 -22.35 22.11
C MET B 53 7.85 -22.58 23.16
N ASP B 54 8.17 -22.43 24.44
CA ASP B 54 7.11 -22.49 25.42
C ASP B 54 5.91 -21.53 25.14
N ALA B 55 6.19 -20.35 24.57
CA ALA B 55 5.14 -19.36 24.20
C ALA B 55 4.20 -19.96 23.11
N PHE B 56 4.77 -20.84 22.31
CA PHE B 56 4.07 -21.41 21.19
C PHE B 56 3.32 -22.66 21.64
N GLU B 57 3.83 -23.31 22.66
CA GLU B 57 3.11 -24.48 23.22
C GLU B 57 1.91 -23.95 23.91
N GLN B 58 2.05 -22.87 24.68
CA GLN B 58 0.91 -22.30 25.38
C GLN B 58 -0.03 -21.62 24.34
N GLY B 59 0.56 -21.02 23.32
CA GLY B 59 -0.21 -20.38 22.31
C GLY B 59 -1.07 -21.34 21.54
N GLU B 60 -0.53 -22.52 21.20
CA GLU B 60 -1.31 -23.54 20.47
C GLU B 60 -2.62 -23.85 21.19
N LYS B 61 -2.58 -23.88 22.52
CA LYS B 61 -3.74 -24.18 23.30
C LYS B 61 -4.80 -23.09 23.12
N LEU B 62 -4.36 -21.82 23.09
CA LEU B 62 -5.25 -20.71 22.86
C LEU B 62 -5.84 -20.72 21.44
N ALA B 63 -4.99 -20.94 20.44
CA ALA B 63 -5.38 -21.09 19.03
C ALA B 63 -6.47 -22.19 18.87
N GLU B 64 -6.29 -23.29 19.58
CA GLU B 64 -7.24 -24.45 19.49
C GLU B 64 -8.59 -24.13 20.17
N GLN B 65 -8.50 -23.42 21.29
CA GLN B 65 -9.66 -22.98 22.00
C GLN B 65 -10.54 -22.12 21.04
N TYR B 66 -9.92 -21.15 20.37
CA TYR B 66 -10.69 -20.30 19.46
C TYR B 66 -11.18 -21.03 18.21
N ALA B 67 -10.39 -22.00 17.72
CA ALA B 67 -10.78 -22.83 16.58
C ALA B 67 -12.02 -23.64 16.96
N ASN B 68 -12.16 -23.96 18.24
CA ASN B 68 -13.34 -24.70 18.69
C ASN B 68 -14.53 -23.86 19.25
N LYS B 69 -14.42 -22.55 19.33
CA LYS B 69 -15.48 -21.67 19.88
C LYS B 69 -16.82 -21.87 19.18
N ASN B 70 -16.77 -22.07 17.87
CA ASN B 70 -18.02 -22.26 17.09
C ASN B 70 -19.03 -21.12 17.26
N SER B 71 -18.56 -19.88 17.19
CA SER B 71 -19.51 -18.75 17.27
C SER B 71 -20.59 -18.89 16.21
N GLN B 72 -21.84 -18.53 16.54
CA GLN B 72 -22.96 -18.46 15.59
C GLN B 72 -23.36 -16.98 15.33
N GLY B 73 -23.66 -16.66 14.07
CA GLY B 73 -23.92 -15.27 13.67
C GLY B 73 -25.34 -15.13 13.16
N SER B 74 -25.59 -14.08 12.39
CA SER B 74 -26.93 -13.77 11.96
C SER B 74 -27.32 -14.59 10.75
N VAL B 75 -26.36 -15.29 10.17
CA VAL B 75 -26.63 -16.16 9.03
C VAL B 75 -26.19 -17.62 9.41
N GLN B 76 -26.82 -18.66 8.85
CA GLN B 76 -26.45 -20.03 9.21
C GLN B 76 -25.02 -20.35 8.73
N GLY B 77 -24.25 -21.10 9.51
CA GLY B 77 -22.94 -21.53 9.04
C GLY B 77 -21.87 -21.23 10.05
N THR B 78 -20.65 -21.66 9.74
CA THR B 78 -19.49 -21.46 10.60
C THR B 78 -18.93 -20.05 10.43
N TYR B 79 -18.37 -19.54 11.52
CA TYR B 79 -17.68 -18.30 11.62
C TYR B 79 -16.27 -18.50 12.18
N HIS B 80 -15.55 -19.52 11.72
CA HIS B 80 -14.20 -19.73 12.26
C HIS B 80 -13.27 -18.57 11.94
N THR B 81 -13.48 -17.91 10.80
CA THR B 81 -12.52 -16.87 10.38
C THR B 81 -12.56 -15.74 11.41
N LEU B 82 -13.78 -15.40 11.86
CA LEU B 82 -14.06 -14.42 12.89
C LEU B 82 -13.44 -14.84 14.22
N ASP B 83 -13.66 -16.10 14.57
CA ASP B 83 -13.18 -16.55 15.84
C ASP B 83 -11.64 -16.55 15.85
N CYS B 84 -11.02 -16.94 14.74
CA CYS B 84 -9.55 -16.88 14.62
C CYS B 84 -8.97 -15.48 14.60
N LEU B 85 -9.63 -14.54 13.96
CA LEU B 85 -9.19 -13.16 14.02
C LEU B 85 -9.43 -12.47 15.33
N SER B 86 -10.30 -13.00 16.22
CA SER B 86 -10.41 -12.53 17.62
C SER B 86 -9.02 -12.51 18.30
N LEU B 87 -8.16 -13.44 17.90
CA LEU B 87 -6.80 -13.58 18.45
C LEU B 87 -5.93 -12.38 18.16
N GLN B 88 -6.25 -11.64 17.10
CA GLN B 88 -5.56 -10.40 16.84
C GLN B 88 -5.73 -9.38 17.95
N ASN B 89 -6.87 -9.44 18.62
CA ASN B 89 -7.06 -8.50 19.70
C ASN B 89 -7.40 -9.11 21.05
N ALA B 90 -7.16 -10.41 21.18
CA ALA B 90 -7.47 -11.18 22.40
C ALA B 90 -6.59 -10.75 23.58
N SER B 91 -7.22 -10.49 24.73
CA SER B 91 -6.45 -10.09 25.92
C SER B 91 -5.52 -11.22 26.28
N GLU B 92 -5.97 -12.49 26.21
CA GLU B 92 -5.13 -13.68 26.53
C GLU B 92 -3.88 -13.69 25.70
N ALA B 93 -4.01 -13.36 24.43
CA ALA B 93 -2.84 -13.34 23.51
C ALA B 93 -1.75 -12.39 24.00
N GLU B 94 -2.15 -11.19 24.37
CA GLU B 94 -1.27 -10.18 24.93
C GLU B 94 -0.71 -10.65 26.27
N THR B 95 -1.53 -11.24 27.14
CA THR B 95 -1.02 -11.74 28.44
C THR B 95 0.03 -12.83 28.29
N ILE B 96 -0.23 -13.82 27.43
CA ILE B 96 0.76 -14.82 27.19
C ILE B 96 2.04 -14.19 26.65
N PHE B 97 1.93 -13.27 25.67
CA PHE B 97 3.07 -12.65 25.02
C PHE B 97 3.96 -11.94 26.05
N GLU B 98 3.30 -11.22 26.94
CA GLU B 98 3.94 -10.40 27.94
C GLU B 98 4.67 -11.17 29.02
N ARG B 99 4.29 -12.42 29.26
CA ARG B 99 5.12 -13.35 30.08
C ARG B 99 6.58 -13.55 29.62
N TYR B 100 6.89 -13.29 28.35
CA TYR B 100 8.24 -13.56 27.79
C TYR B 100 9.07 -12.31 27.38
N SER B 101 8.38 -11.25 27.02
CA SER B 101 9.02 -10.04 26.54
C SER B 101 9.28 -9.02 27.66
N LYS B 102 10.18 -9.37 28.59
CA LYS B 102 10.49 -8.57 29.79
C LYS B 102 9.32 -7.70 30.29
N GLY C 1 -26.96 -9.89 17.54
CA GLY C 1 -26.90 -10.98 18.56
C GLY C 1 -25.68 -10.84 19.44
N HIS C 2 -25.42 -11.88 20.23
CA HIS C 2 -24.21 -11.95 21.06
C HIS C 2 -22.86 -11.77 20.32
N MET C 3 -22.75 -12.26 19.07
CA MET C 3 -21.54 -12.00 18.24
C MET C 3 -21.34 -10.50 18.09
N GLU C 4 -22.37 -9.81 17.59
CA GLU C 4 -22.30 -8.34 17.40
C GLU C 4 -22.02 -7.61 18.70
N ASN C 5 -22.70 -8.05 19.76
CA ASN C 5 -22.40 -7.56 21.10
C ASN C 5 -20.92 -7.61 21.47
N SER C 6 -20.26 -8.75 21.28
CA SER C 6 -18.82 -8.87 21.57
C SER C 6 -17.93 -8.01 20.68
N LEU C 7 -18.27 -7.92 19.41
CA LEU C 7 -17.48 -7.17 18.48
C LEU C 7 -17.60 -5.69 18.71
N ASN C 8 -18.70 -5.26 19.27
CA ASN C 8 -18.95 -3.84 19.50
C ASN C 8 -17.89 -3.19 20.43
N ALA C 9 -17.13 -4.00 21.18
CA ALA C 9 -16.08 -3.42 22.00
C ALA C 9 -14.78 -3.22 21.24
N LEU C 10 -14.70 -3.65 19.98
CA LEU C 10 -13.51 -3.45 19.15
C LEU C 10 -13.46 -2.06 18.50
N SER C 11 -12.26 -1.56 18.34
CA SER C 11 -12.07 -0.28 17.63
C SER C 11 -12.50 -0.40 16.18
N GLN C 12 -12.82 0.77 15.61
CA GLN C 12 -13.27 0.84 14.23
C GLN C 12 -12.13 0.38 13.31
N GLU C 13 -10.89 0.76 13.61
CA GLU C 13 -9.76 0.33 12.81
C GLU C 13 -9.55 -1.20 12.87
N ALA C 14 -9.66 -1.78 14.07
CA ALA C 14 -9.57 -3.25 14.24
C ALA C 14 -10.70 -3.97 13.48
N LEU C 15 -11.89 -3.43 13.56
CA LEU C 15 -13.01 -3.99 12.77
C LEU C 15 -12.73 -3.93 11.23
N TYR C 16 -12.16 -2.81 10.80
CA TYR C 16 -11.86 -2.56 9.42
C TYR C 16 -10.78 -3.50 8.89
N LYS C 17 -9.68 -3.63 9.64
CA LYS C 17 -8.62 -4.56 9.29
C LYS C 17 -9.08 -6.03 9.27
N ASN C 18 -9.93 -6.43 10.20
CA ASN C 18 -10.50 -7.80 10.19
C ASN C 18 -11.42 -8.02 9.00
N TRP C 19 -12.14 -6.96 8.61
CA TRP C 19 -12.96 -7.04 7.41
C TRP C 19 -12.05 -7.26 6.21
N LEU C 20 -10.99 -6.45 6.09
CA LEU C 20 -10.07 -6.62 4.98
C LEU C 20 -9.47 -8.07 4.92
N THR C 21 -8.92 -8.53 6.04
CA THR C 21 -8.32 -9.86 6.08
C THR C 21 -9.33 -10.97 5.74
N SER C 22 -10.56 -10.87 6.27
CA SER C 22 -11.63 -11.85 5.92
C SER C 22 -11.96 -11.89 4.42
N ARG C 23 -12.21 -10.72 3.86
CA ARG C 23 -12.46 -10.60 2.41
C ARG C 23 -11.31 -11.19 1.62
N CYS C 24 -10.09 -10.93 2.07
CA CYS C 24 -8.92 -11.47 1.39
C CYS C 24 -8.92 -12.99 1.41
N ILE C 25 -9.19 -13.56 2.60
CA ILE C 25 -9.15 -14.99 2.81
C ILE C 25 -10.18 -15.62 1.83
N GLY C 26 -11.38 -15.06 1.83
CA GLY C 26 -12.44 -15.56 0.94
C GLY C 26 -12.11 -15.42 -0.54
N LYS C 27 -11.43 -14.34 -0.96
CA LYS C 27 -11.05 -14.17 -2.35
C LYS C 27 -9.94 -15.15 -2.76
N SER C 28 -9.00 -15.44 -1.86
CA SER C 28 -7.80 -16.19 -2.28
C SER C 28 -7.95 -17.68 -2.15
N THR C 29 -8.81 -18.14 -1.23
CA THR C 29 -8.94 -19.53 -0.92
C THR C 29 -9.49 -20.34 -2.11
N ASP C 30 -8.97 -21.56 -2.27
CA ASP C 30 -9.49 -22.58 -3.23
C ASP C 30 -10.78 -23.24 -2.77
N SER C 31 -11.05 -23.15 -1.47
CA SER C 31 -12.17 -23.84 -0.86
C SER C 31 -13.45 -23.01 -0.86
N GLU C 32 -14.51 -23.57 -1.43
CA GLU C 32 -15.85 -23.00 -1.27
C GLU C 32 -16.27 -22.81 0.21
N ARG C 33 -16.00 -23.78 1.08
CA ARG C 33 -16.45 -23.66 2.50
C ARG C 33 -15.64 -22.54 3.23
N THR C 34 -14.36 -22.49 2.95
CA THR C 34 -13.48 -21.47 3.60
C THR C 34 -13.98 -20.09 3.18
N LYS C 35 -14.27 -19.97 1.88
CA LYS C 35 -14.74 -18.71 1.27
C LYS C 35 -16.01 -18.17 1.93
N GLN C 36 -17.00 -19.04 2.11
CA GLN C 36 -18.28 -18.63 2.67
C GLN C 36 -18.21 -18.32 4.16
N ASP C 37 -17.35 -19.04 4.86
CA ASP C 37 -17.00 -18.72 6.26
C ASP C 37 -16.36 -17.34 6.37
N ALA C 38 -15.36 -17.06 5.51
CA ALA C 38 -14.63 -15.80 5.56
C ALA C 38 -15.59 -14.67 5.20
N PHE C 39 -16.47 -14.94 4.22
CA PHE C 39 -17.42 -13.93 3.77
C PHE C 39 -18.50 -13.63 4.85
N ARG C 40 -19.01 -14.65 5.50
CA ARG C 40 -19.97 -14.43 6.68
C ARG C 40 -19.27 -13.64 7.82
N SER C 41 -18.03 -14.03 8.11
CA SER C 41 -17.20 -13.27 9.05
C SER C 41 -17.03 -11.80 8.61
N ALA C 42 -16.69 -11.56 7.34
CA ALA C 42 -16.59 -10.22 6.82
C ALA C 42 -17.86 -9.42 7.01
N SER C 43 -19.02 -10.01 6.69
CA SER C 43 -20.32 -9.36 6.85
C SER C 43 -20.55 -8.90 8.28
N ALA C 44 -20.13 -9.71 9.24
CA ALA C 44 -20.33 -9.37 10.66
C ALA C 44 -19.49 -8.13 11.01
N TYR C 45 -18.22 -8.14 10.60
CA TYR C 45 -17.39 -6.94 10.84
C TYR C 45 -17.95 -5.66 10.22
N LEU C 46 -18.39 -5.77 8.97
CA LEU C 46 -18.92 -4.64 8.19
C LEU C 46 -20.16 -4.07 8.82
N GLU C 47 -20.98 -4.93 9.37
CA GLU C 47 -22.23 -4.48 10.05
C GLU C 47 -21.93 -3.54 11.20
N LEU C 48 -20.81 -3.74 11.86
CA LEU C 48 -20.48 -2.92 13.04
C LEU C 48 -19.65 -1.68 12.72
N SER C 49 -19.32 -1.50 11.45
CA SER C 49 -18.47 -0.37 11.12
C SER C 49 -19.34 0.88 10.94
N LYS C 50 -18.80 2.01 11.32
CA LYS C 50 -19.42 3.29 11.05
C LYS C 50 -18.74 4.06 9.93
N LEU C 51 -17.77 3.42 9.28
CA LEU C 51 -17.07 4.06 8.17
C LEU C 51 -18.08 4.24 7.03
N PRO C 52 -17.90 5.29 6.22
CA PRO C 52 -18.68 5.41 5.00
C PRO C 52 -18.24 4.35 3.95
N MET C 53 -19.10 4.13 2.99
CA MET C 53 -18.95 3.02 2.06
C MET C 53 -17.70 3.12 1.21
N ASP C 54 -17.19 4.34 1.03
CA ASP C 54 -15.95 4.58 0.27
C ASP C 54 -14.82 3.67 0.83
N ALA C 55 -14.76 3.50 2.16
CA ALA C 55 -13.69 2.72 2.82
C ALA C 55 -13.72 1.26 2.38
N PHE C 56 -14.94 0.78 2.11
CA PHE C 56 -15.15 -0.62 1.70
C PHE C 56 -15.00 -0.81 0.22
N GLU C 57 -15.43 0.14 -0.56
CA GLU C 57 -15.19 0.10 -1.98
C GLU C 57 -13.67 0.09 -2.30
N GLN C 58 -12.94 0.97 -1.64
CA GLN C 58 -11.49 1.03 -1.81
C GLN C 58 -10.79 -0.12 -1.11
N GLY C 59 -11.25 -0.46 0.07
CA GLY C 59 -10.74 -1.62 0.79
C GLY C 59 -10.88 -2.94 0.08
N GLU C 60 -12.00 -3.16 -0.59
CA GLU C 60 -12.20 -4.39 -1.37
C GLU C 60 -11.08 -4.63 -2.39
N LYS C 61 -10.72 -3.59 -3.11
CA LYS C 61 -9.64 -3.67 -4.10
C LYS C 61 -8.28 -3.97 -3.47
N LEU C 62 -8.06 -3.44 -2.28
CA LEU C 62 -6.81 -3.68 -1.60
C LEU C 62 -6.78 -5.14 -1.12
N ALA C 63 -7.90 -5.62 -0.63
CA ALA C 63 -8.02 -7.01 -0.24
C ALA C 63 -7.77 -7.93 -1.42
N GLU C 64 -8.32 -7.60 -2.57
CA GLU C 64 -8.06 -8.38 -3.78
C GLU C 64 -6.59 -8.30 -4.23
N GLN C 65 -5.93 -7.16 -4.08
CA GLN C 65 -4.52 -7.05 -4.40
C GLN C 65 -3.74 -8.06 -3.57
N TYR C 66 -3.99 -8.04 -2.25
CA TYR C 66 -3.27 -8.92 -1.33
C TYR C 66 -3.60 -10.43 -1.53
N ALA C 67 -4.86 -10.72 -1.87
CA ALA C 67 -5.33 -12.05 -2.28
C ALA C 67 -4.57 -12.60 -3.48
N ASN C 68 -4.13 -11.69 -4.37
CA ASN C 68 -3.40 -12.02 -5.59
C ASN C 68 -1.91 -11.78 -5.52
N LYS C 69 -1.41 -11.50 -4.34
CA LYS C 69 0.01 -11.27 -4.16
C LYS C 69 0.79 -12.56 -4.39
N ASN C 70 0.24 -13.67 -3.93
CA ASN C 70 0.81 -14.98 -4.25
C ASN C 70 2.28 -15.03 -3.78
N SER C 71 2.54 -14.60 -2.55
CA SER C 71 3.87 -14.68 -1.99
C SER C 71 4.40 -16.10 -1.97
N GLN C 72 5.72 -16.20 -2.17
CA GLN C 72 6.43 -17.44 -2.19
C GLN C 72 7.27 -17.52 -0.91
N GLY C 73 7.31 -18.67 -0.26
CA GLY C 73 8.00 -18.78 1.04
C GLY C 73 9.13 -19.78 0.95
N SER C 74 9.59 -20.23 2.11
CA SER C 74 10.72 -21.16 2.14
C SER C 74 10.35 -22.65 1.88
N VAL C 75 9.06 -22.95 1.79
CA VAL C 75 8.45 -24.27 1.49
C VAL C 75 7.64 -24.04 0.21
N GLN C 76 7.46 -25.07 -0.63
CA GLN C 76 6.57 -24.96 -1.81
C GLN C 76 5.12 -24.83 -1.36
N GLY C 77 4.38 -24.01 -2.09
CA GLY C 77 2.95 -23.88 -1.90
C GLY C 77 2.50 -22.45 -1.58
N THR C 78 1.21 -22.29 -1.47
CA THR C 78 0.62 -20.97 -1.29
C THR C 78 0.79 -20.48 0.15
N TYR C 79 0.87 -19.15 0.29
CA TYR C 79 0.93 -18.44 1.54
C TYR C 79 -0.14 -17.30 1.56
N HIS C 80 -1.37 -17.59 1.18
CA HIS C 80 -2.40 -16.59 1.14
C HIS C 80 -2.76 -16.18 2.56
N THR C 81 -2.78 -17.11 3.49
CA THR C 81 -3.06 -16.74 4.87
C THR C 81 -2.14 -15.60 5.33
N LEU C 82 -0.84 -15.73 5.08
CA LEU C 82 0.12 -14.69 5.43
C LEU C 82 -0.20 -13.42 4.66
N ASP C 83 -0.38 -13.54 3.35
CA ASP C 83 -0.63 -12.32 2.56
C ASP C 83 -1.88 -11.58 3.05
N CYS C 84 -2.90 -12.34 3.44
CA CYS C 84 -4.14 -11.74 3.96
C CYS C 84 -3.99 -11.18 5.39
N LEU C 85 -3.18 -11.82 6.23
CA LEU C 85 -2.82 -11.23 7.53
C LEU C 85 -1.99 -9.97 7.37
N SER C 86 -1.26 -9.82 6.26
CA SER C 86 -0.52 -8.58 6.01
C SER C 86 -1.41 -7.33 6.00
N LEU C 87 -2.66 -7.46 5.68
CA LEU C 87 -3.59 -6.33 5.69
C LEU C 87 -3.72 -5.75 7.11
N GLN C 88 -3.43 -6.52 8.14
CA GLN C 88 -3.47 -5.94 9.51
C GLN C 88 -2.46 -4.82 9.76
N ASN C 89 -1.45 -4.82 8.90
N ASN C 89 -1.37 -4.77 8.96
CA ASN C 89 -0.29 -3.99 9.06
CA ASN C 89 -0.34 -3.70 9.08
C ASN C 89 0.13 -3.27 7.72
C ASN C 89 -0.04 -2.93 7.79
N ALA C 90 -0.81 -3.20 6.75
CA ALA C 90 -0.64 -2.60 5.41
C ALA C 90 -0.84 -1.07 5.43
N SER C 91 0.09 -0.35 4.83
CA SER C 91 0.06 1.08 4.85
C SER C 91 -1.21 1.64 4.17
N GLU C 92 -1.58 1.11 3.03
CA GLU C 92 -2.80 1.60 2.37
C GLU C 92 -4.05 1.33 3.16
N ALA C 93 -4.09 0.24 3.92
CA ALA C 93 -5.29 -0.06 4.76
C ALA C 93 -5.51 1.07 5.78
N GLU C 94 -4.39 1.52 6.35
CA GLU C 94 -4.38 2.55 7.38
C GLU C 94 -4.67 3.91 6.76
N THR C 95 -4.19 4.16 5.52
CA THR C 95 -4.45 5.45 4.83
C THR C 95 -5.94 5.55 4.49
N ILE C 96 -6.51 4.43 4.04
CA ILE C 96 -7.99 4.40 3.71
C ILE C 96 -8.80 4.67 4.95
N PHE C 97 -8.42 3.97 6.01
CA PHE C 97 -9.14 4.12 7.23
C PHE C 97 -9.06 5.54 7.73
N GLU C 98 -7.88 6.10 7.75
CA GLU C 98 -7.70 7.50 8.23
C GLU C 98 -8.43 8.53 7.42
N ARG C 99 -8.50 8.30 6.11
CA ARG C 99 -9.21 9.26 5.26
C ARG C 99 -10.73 9.30 5.59
N TYR C 100 -11.29 8.18 6.01
CA TYR C 100 -12.78 8.08 6.24
C TYR C 100 -13.26 8.03 7.69
N SER C 101 -12.36 8.08 8.64
CA SER C 101 -12.77 8.05 10.02
C SER C 101 -12.41 9.43 10.50
N LYS C 102 -11.73 9.53 11.63
CA LYS C 102 -10.94 10.71 12.00
C LYS C 102 -10.91 10.80 13.51
N GLY D 1 -1.21 26.65 -25.65
CA GLY D 1 -1.68 25.56 -26.58
C GLY D 1 -0.76 24.32 -26.60
N HIS D 2 0.54 24.48 -26.80
CA HIS D 2 1.34 23.29 -27.10
C HIS D 2 1.38 22.35 -25.95
N MET D 3 1.36 22.87 -24.73
CA MET D 3 1.33 22.03 -23.54
C MET D 3 0.13 21.07 -23.56
N GLU D 4 -1.07 21.57 -23.83
CA GLU D 4 -2.26 20.70 -23.93
C GLU D 4 -2.20 19.76 -25.11
N ASN D 5 -1.70 20.25 -26.25
CA ASN D 5 -1.49 19.35 -27.33
C ASN D 5 -0.68 18.21 -26.81
N SER D 6 0.31 18.54 -26.00
CA SER D 6 1.20 17.50 -25.54
C SER D 6 0.66 16.58 -24.49
N LEU D 7 -0.37 16.98 -23.76
CA LEU D 7 -1.00 16.15 -22.75
C LEU D 7 -2.22 15.39 -23.27
N ASN D 8 -2.65 15.69 -24.49
CA ASN D 8 -3.91 15.17 -24.99
C ASN D 8 -3.93 13.71 -25.29
N ALA D 9 -2.75 13.12 -25.38
CA ALA D 9 -2.63 11.71 -25.70
C ALA D 9 -2.47 10.89 -24.48
N LEU D 10 -2.39 11.52 -23.32
CA LEU D 10 -2.26 10.84 -22.03
C LEU D 10 -3.58 10.27 -21.63
N SER D 11 -3.55 9.08 -21.10
CA SER D 11 -4.73 8.40 -20.63
C SER D 11 -5.37 9.16 -19.49
N GLN D 12 -6.67 8.95 -19.30
CA GLN D 12 -7.34 9.61 -18.14
C GLN D 12 -6.73 9.22 -16.83
N GLU D 13 -6.23 8.00 -16.74
CA GLU D 13 -5.71 7.54 -15.47
C GLU D 13 -4.35 8.24 -15.20
N ALA D 14 -3.54 8.42 -16.25
CA ALA D 14 -2.18 8.91 -16.12
C ALA D 14 -2.30 10.38 -15.81
N LEU D 15 -3.32 11.04 -16.36
CA LEU D 15 -3.64 12.45 -16.00
C LEU D 15 -4.04 12.62 -14.56
N TYR D 16 -4.88 11.75 -14.05
CA TYR D 16 -5.27 11.73 -12.64
C TYR D 16 -4.10 11.48 -11.65
N LYS D 17 -3.24 10.51 -11.94
CA LYS D 17 -2.09 10.19 -11.14
C LYS D 17 -1.07 11.32 -11.13
N ASN D 18 -0.84 11.97 -12.27
CA ASN D 18 0.04 13.14 -12.31
C ASN D 18 -0.55 14.32 -11.52
N TRP D 19 -1.87 14.51 -11.55
CA TRP D 19 -2.50 15.53 -10.72
C TRP D 19 -2.23 15.23 -9.27
N LEU D 20 -2.51 14.01 -8.87
CA LEU D 20 -2.20 13.58 -7.48
C LEU D 20 -0.76 13.86 -7.06
N THR D 21 0.19 13.45 -7.85
CA THR D 21 1.58 13.59 -7.50
C THR D 21 1.93 15.08 -7.39
N SER D 22 1.42 15.82 -8.32
CA SER D 22 1.66 17.29 -8.40
C SER D 22 1.12 17.98 -7.17
N ARG D 23 -0.10 17.68 -6.80
CA ARG D 23 -0.69 18.26 -5.57
C ARG D 23 0.13 17.88 -4.34
N CYS D 24 0.60 16.62 -4.33
CA CYS D 24 1.34 16.10 -3.21
C CYS D 24 2.68 16.80 -3.08
N ILE D 25 3.33 17.06 -4.21
CA ILE D 25 4.56 17.83 -4.18
C ILE D 25 4.37 19.24 -3.64
N GLY D 26 3.31 19.88 -4.09
CA GLY D 26 3.01 21.22 -3.69
C GLY D 26 2.71 21.33 -2.22
N LYS D 27 2.05 20.31 -1.67
CA LYS D 27 1.61 20.36 -0.32
C LYS D 27 2.74 20.04 0.60
N SER D 28 3.65 19.20 0.14
CA SER D 28 4.78 18.79 0.99
C SER D 28 5.93 19.79 1.01
N THR D 29 6.18 20.51 -0.09
CA THR D 29 7.36 21.38 -0.18
C THR D 29 7.24 22.55 0.79
N ASP D 30 8.39 22.99 1.29
CA ASP D 30 8.45 24.24 2.05
C ASP D 30 8.82 25.43 1.21
N SER D 31 8.98 25.26 -0.10
CA SER D 31 9.32 26.41 -0.93
C SER D 31 8.05 26.90 -1.62
N GLU D 32 7.70 28.17 -1.46
CA GLU D 32 6.50 28.70 -2.14
C GLU D 32 6.63 28.67 -3.67
N ARG D 33 7.85 28.85 -4.18
CA ARG D 33 8.08 28.81 -5.62
C ARG D 33 7.81 27.39 -6.17
N THR D 34 8.36 26.39 -5.50
CA THR D 34 8.14 24.94 -5.91
C THR D 34 6.64 24.61 -5.75
N LYS D 35 6.06 25.06 -4.65
CA LYS D 35 4.59 24.91 -4.44
C LYS D 35 3.75 25.47 -5.60
N GLN D 36 3.99 26.71 -5.99
CA GLN D 36 3.15 27.31 -7.08
C GLN D 36 3.38 26.62 -8.41
N ASP D 37 4.61 26.15 -8.62
CA ASP D 37 4.97 25.40 -9.83
C ASP D 37 4.20 24.10 -9.94
N ALA D 38 4.27 23.33 -8.87
CA ALA D 38 3.50 22.11 -8.68
C ALA D 38 1.97 22.29 -8.81
N PHE D 39 1.46 23.34 -8.21
CA PHE D 39 0.01 23.62 -8.31
C PHE D 39 -0.38 24.04 -9.72
N ARG D 40 0.43 24.87 -10.38
CA ARG D 40 0.16 25.26 -11.78
C ARG D 40 0.18 24.01 -12.62
N SER D 41 1.18 23.18 -12.43
CA SER D 41 1.25 21.87 -13.09
C SER D 41 0.04 21.01 -12.89
N ALA D 42 -0.38 20.85 -11.63
CA ALA D 42 -1.57 20.11 -11.32
C ALA D 42 -2.74 20.63 -12.17
N SER D 43 -2.94 21.94 -12.25
CA SER D 43 -4.08 22.47 -13.02
C SER D 43 -4.08 22.14 -14.51
N ALA D 44 -2.88 22.02 -15.11
CA ALA D 44 -2.75 21.62 -16.49
C ALA D 44 -3.30 20.22 -16.73
N TYR D 45 -2.98 19.30 -15.82
CA TYR D 45 -3.52 17.95 -15.87
C TYR D 45 -5.03 17.95 -15.65
N LEU D 46 -5.48 18.71 -14.64
CA LEU D 46 -6.91 18.89 -14.38
C LEU D 46 -7.69 19.30 -15.63
N GLU D 47 -7.16 20.25 -16.39
CA GLU D 47 -7.81 20.72 -17.54
C GLU D 47 -8.23 19.65 -18.60
N LEU D 48 -7.47 18.59 -18.70
CA LEU D 48 -7.75 17.54 -19.69
C LEU D 48 -8.49 16.38 -19.08
N SER D 49 -8.74 16.41 -17.77
CA SER D 49 -9.45 15.32 -17.11
C SER D 49 -10.94 15.43 -17.41
N LYS D 50 -11.60 14.31 -17.70
CA LYS D 50 -13.06 14.24 -17.77
C LYS D 50 -13.72 13.68 -16.54
N LEU D 51 -12.96 13.53 -15.46
CA LEU D 51 -13.52 13.04 -14.21
C LEU D 51 -14.44 14.08 -13.55
N PRO D 52 -15.41 13.59 -12.75
CA PRO D 52 -16.16 14.52 -11.95
C PRO D 52 -15.32 15.11 -10.84
N MET D 53 -15.74 16.25 -10.36
CA MET D 53 -15.01 16.93 -9.29
C MET D 53 -14.90 16.11 -7.98
N ASP D 54 -15.83 15.22 -7.68
CA ASP D 54 -15.69 14.34 -6.51
C ASP D 54 -14.39 13.53 -6.54
N ALA D 55 -13.93 13.14 -7.73
CA ALA D 55 -12.64 12.45 -7.83
C ALA D 55 -11.50 13.33 -7.35
N PHE D 56 -11.59 14.64 -7.57
CA PHE D 56 -10.54 15.53 -7.13
C PHE D 56 -10.71 15.88 -5.67
N GLU D 57 -11.93 16.02 -5.13
CA GLU D 57 -12.02 16.24 -3.68
C GLU D 57 -11.53 15.01 -2.90
N GLN D 58 -11.83 13.80 -3.35
CA GLN D 58 -11.29 12.59 -2.71
C GLN D 58 -9.76 12.49 -2.95
N GLY D 59 -9.37 12.76 -4.16
CA GLY D 59 -7.91 12.70 -4.47
C GLY D 59 -7.09 13.69 -3.67
N GLU D 60 -7.65 14.87 -3.35
CA GLU D 60 -6.91 15.87 -2.61
C GLU D 60 -6.58 15.33 -1.27
N LYS D 61 -7.56 14.62 -0.69
CA LYS D 61 -7.35 13.96 0.63
C LYS D 61 -6.19 12.98 0.59
N LEU D 62 -6.23 12.11 -0.43
CA LEU D 62 -5.21 11.12 -0.67
C LEU D 62 -3.83 11.79 -0.87
N ALA D 63 -3.81 12.84 -1.71
CA ALA D 63 -2.55 13.55 -1.95
C ALA D 63 -1.94 14.21 -0.67
N GLU D 64 -2.79 14.78 0.18
CA GLU D 64 -2.34 15.42 1.38
C GLU D 64 -1.93 14.40 2.39
N GLN D 65 -2.55 13.24 2.37
CA GLN D 65 -2.05 12.24 3.30
C GLN D 65 -0.73 11.59 2.88
N TYR D 66 -0.51 11.49 1.58
CA TYR D 66 0.83 11.08 1.07
C TYR D 66 1.94 12.15 1.28
N ALA D 67 1.51 13.40 1.25
CA ALA D 67 2.40 14.54 1.57
C ALA D 67 2.81 14.52 3.07
N ASN D 68 1.99 13.90 3.91
CA ASN D 68 2.26 13.80 5.33
C ASN D 68 2.70 12.40 5.74
N LYS D 69 2.87 11.51 4.77
CA LYS D 69 3.36 10.15 5.06
C LYS D 69 4.70 10.14 5.78
N ASN D 70 5.63 11.02 5.38
CA ASN D 70 6.89 11.18 6.08
C ASN D 70 7.73 9.86 6.21
N SER D 71 7.81 9.06 5.14
CA SER D 71 8.68 7.88 5.13
C SER D 71 10.10 8.26 5.54
N GLN D 72 10.74 7.40 6.33
CA GLN D 72 12.14 7.57 6.66
C GLN D 72 13.02 6.59 5.80
N GLY D 73 14.09 7.08 5.17
CA GLY D 73 14.96 6.24 4.32
C GLY D 73 16.18 5.77 5.11
N SER D 74 17.20 5.25 4.45
CA SER D 74 18.41 4.84 5.23
C SER D 74 19.32 6.02 5.52
N VAL D 75 19.12 7.09 4.78
CA VAL D 75 19.74 8.37 5.02
C VAL D 75 18.75 9.26 5.82
N GLN D 76 19.32 10.13 6.64
CA GLN D 76 18.62 11.10 7.49
C GLN D 76 17.92 12.13 6.59
N GLY D 77 16.64 12.46 6.86
CA GLY D 77 15.88 13.50 6.13
C GLY D 77 14.51 13.07 5.56
N THR D 78 13.83 14.01 4.91
CA THR D 78 12.54 13.72 4.32
C THR D 78 12.67 13.04 2.92
N TYR D 79 11.68 12.23 2.62
CA TYR D 79 11.51 11.56 1.36
C TYR D 79 10.13 11.92 0.77
N HIS D 80 9.72 13.20 0.78
CA HIS D 80 8.40 13.59 0.26
C HIS D 80 8.32 13.29 -1.23
N THR D 81 9.42 13.52 -1.94
CA THR D 81 9.41 13.29 -3.40
C THR D 81 9.02 11.84 -3.71
N LEU D 82 9.64 10.89 -3.00
CA LEU D 82 9.35 9.48 -3.13
C LEU D 82 7.91 9.19 -2.72
N ASP D 83 7.45 9.78 -1.61
CA ASP D 83 6.06 9.57 -1.12
C ASP D 83 5.07 10.05 -2.11
N CYS D 84 5.35 11.17 -2.77
CA CYS D 84 4.42 11.70 -3.81
C CYS D 84 4.43 10.84 -5.08
N LEU D 85 5.60 10.34 -5.49
CA LEU D 85 5.66 9.48 -6.65
C LEU D 85 4.99 8.14 -6.38
N SER D 86 4.86 7.73 -5.13
CA SER D 86 4.25 6.43 -4.83
C SER D 86 2.74 6.51 -5.21
N LEU D 87 2.22 7.72 -5.37
CA LEU D 87 0.80 7.87 -5.81
C LEU D 87 0.65 7.35 -7.25
N GLN D 88 1.72 7.31 -8.02
CA GLN D 88 1.63 6.72 -9.35
C GLN D 88 1.31 5.23 -9.36
N ASN D 89 1.56 4.51 -8.27
CA ASN D 89 1.35 3.07 -8.25
C ASN D 89 0.49 2.63 -7.07
N ALA D 90 -0.11 3.59 -6.40
CA ALA D 90 -0.91 3.32 -5.20
C ALA D 90 -2.26 2.73 -5.59
N SER D 91 -2.62 1.65 -4.94
CA SER D 91 -3.93 1.01 -5.08
C SER D 91 -5.02 2.02 -4.96
N GLU D 92 -4.90 2.85 -3.91
CA GLU D 92 -5.92 3.85 -3.64
C GLU D 92 -6.15 4.84 -4.75
N ALA D 93 -5.11 5.27 -5.45
CA ALA D 93 -5.25 6.22 -6.54
C ALA D 93 -6.03 5.59 -7.69
N GLU D 94 -5.68 4.33 -7.97
CA GLU D 94 -6.33 3.62 -9.07
C GLU D 94 -7.82 3.32 -8.73
N THR D 95 -8.11 3.00 -7.49
CA THR D 95 -9.49 2.62 -7.16
C THR D 95 -10.36 3.85 -7.13
N ILE D 96 -9.82 4.95 -6.65
CA ILE D 96 -10.59 6.17 -6.69
C ILE D 96 -10.87 6.59 -8.13
N PHE D 97 -9.84 6.57 -8.98
CA PHE D 97 -9.99 6.79 -10.40
C PHE D 97 -11.10 5.92 -11.02
N GLU D 98 -11.06 4.62 -10.78
CA GLU D 98 -12.06 3.72 -11.33
C GLU D 98 -13.45 4.04 -10.80
N ARG D 99 -13.53 4.46 -9.54
CA ARG D 99 -14.83 4.67 -8.92
C ARG D 99 -15.54 5.84 -9.61
N TYR D 100 -14.78 6.86 -10.03
CA TYR D 100 -15.41 8.01 -10.69
C TYR D 100 -15.32 8.00 -12.23
N SER D 101 -14.73 7.01 -12.87
CA SER D 101 -14.83 6.94 -14.34
C SER D 101 -16.01 6.09 -14.84
N LYS D 102 -16.32 5.04 -14.07
CA LYS D 102 -17.34 4.07 -14.48
C LYS D 102 -17.77 3.11 -13.35
#